data_1REF
#
_entry.id   1REF
#
_cell.length_a   82.340
_cell.length_b   60.880
_cell.length_c   37.890
_cell.angle_alpha   90.00
_cell.angle_beta   94.28
_cell.angle_gamma   90.00
#
_symmetry.space_group_name_H-M   'P 1 21 1'
#
loop_
_entity.id
_entity.type
_entity.pdbx_description
1 polymer 'ENDO-1,4-BETA-XYLANASE II'
2 non-polymer 'BENZOIC ACID'
3 non-polymer '(2R)-oxiran-2-ylmethyl beta-D-xylopyranoside'
4 water water
#
_entity_poly.entity_id   1
_entity_poly.type   'polypeptide(L)'
_entity_poly.pdbx_seq_one_letter_code
;(PCA)TIQPGTGYNNGYFYSYWNDGHGGVTYTNGPGGQFSVNWSNSGNFVGGKGWQPGTKNKVINFSGSYNPNGNSYLSV
YGWSRNPLIEYYIVENFGTYNPSTGATKLGEVTSDGSVYDIYRTQRVNQPSIIGTATFYQYWSVRRNHRSSGSVNTANHF
NAWAQQGLTLGTMDYQIVAVEGYFSSGSASITVS
;
_entity_poly.pdbx_strand_id   A,B
#
# COMPACT_ATOMS: atom_id res chain seq x y z
N THR A 2 -8.41 5.79 -10.07
CA THR A 2 -8.72 5.96 -8.66
C THR A 2 -8.03 4.85 -7.89
N ILE A 3 -7.21 5.21 -6.92
CA ILE A 3 -6.46 4.23 -6.15
C ILE A 3 -6.57 4.38 -4.64
N GLN A 4 -6.14 3.34 -3.93
CA GLN A 4 -6.11 3.33 -2.49
C GLN A 4 -4.75 3.93 -2.13
N PRO A 5 -4.52 4.28 -0.84
CA PRO A 5 -3.24 4.86 -0.42
C PRO A 5 -2.00 4.10 -0.92
N GLY A 6 -1.02 4.84 -1.39
CA GLY A 6 0.21 4.23 -1.88
C GLY A 6 1.10 5.21 -2.63
N THR A 7 2.25 4.74 -3.10
CA THR A 7 3.17 5.58 -3.85
C THR A 7 3.63 4.83 -5.10
N GLY A 8 4.26 5.55 -6.02
CA GLY A 8 4.74 4.93 -7.25
C GLY A 8 4.93 5.95 -8.35
N TYR A 9 4.93 5.47 -9.59
CA TYR A 9 5.10 6.33 -10.75
C TYR A 9 3.92 6.16 -11.70
N ASN A 10 3.32 7.28 -12.08
CA ASN A 10 2.19 7.30 -12.97
C ASN A 10 2.40 8.30 -14.10
N ASN A 11 2.45 7.77 -15.33
CA ASN A 11 2.64 8.56 -16.53
C ASN A 11 3.89 9.43 -16.52
N GLY A 12 4.95 8.91 -15.91
CA GLY A 12 6.21 9.61 -15.84
C GLY A 12 6.47 10.39 -14.56
N TYR A 13 5.45 10.52 -13.72
CA TYR A 13 5.58 11.27 -12.47
C TYR A 13 5.42 10.46 -11.21
N PHE A 14 6.15 10.84 -10.17
CA PHE A 14 6.07 10.16 -8.89
C PHE A 14 4.78 10.65 -8.21
N TYR A 15 4.07 9.75 -7.54
CA TYR A 15 2.86 10.13 -6.85
C TYR A 15 2.88 9.55 -5.45
N SER A 16 2.17 10.21 -4.55
CA SER A 16 2.06 9.77 -3.18
C SER A 16 0.67 10.10 -2.70
N TYR A 17 -0.03 9.09 -2.22
CA TYR A 17 -1.38 9.27 -1.71
C TYR A 17 -1.50 8.61 -0.36
N TRP A 18 -1.90 9.38 0.64
CA TRP A 18 -2.05 8.89 2.00
C TRP A 18 -3.25 9.51 2.70
N ASN A 19 -3.86 8.74 3.58
CA ASN A 19 -4.99 9.19 4.39
C ASN A 19 -4.97 8.44 5.73
N ASP A 20 -5.60 9.03 6.74
CA ASP A 20 -5.65 8.45 8.08
C ASP A 20 -6.62 7.27 8.23
N GLY A 21 -7.34 6.94 7.16
CA GLY A 21 -8.30 5.85 7.22
C GLY A 21 -9.70 6.25 7.64
N HIS A 22 -9.94 7.55 7.76
CA HIS A 22 -11.25 8.07 8.16
C HIS A 22 -12.31 7.89 7.07
N GLY A 23 -11.90 8.02 5.82
CA GLY A 23 -12.84 7.88 4.72
C GLY A 23 -13.32 9.24 4.23
N GLY A 24 -14.00 9.24 3.08
CA GLY A 24 -14.49 10.48 2.50
C GLY A 24 -13.48 11.17 1.61
N VAL A 25 -12.54 10.41 1.06
CA VAL A 25 -11.51 10.94 0.17
C VAL A 25 -11.35 10.05 -1.06
N THR A 26 -11.26 10.68 -2.22
CA THR A 26 -11.10 9.96 -3.48
C THR A 26 -9.94 10.55 -4.29
N TYR A 27 -8.87 9.78 -4.41
CA TYR A 27 -7.70 10.19 -5.17
C TYR A 27 -7.66 9.44 -6.50
N THR A 28 -7.45 10.18 -7.58
CA THR A 28 -7.39 9.60 -8.91
C THR A 28 -6.19 10.13 -9.68
N ASN A 29 -5.37 9.21 -10.18
CA ASN A 29 -4.20 9.57 -10.98
C ASN A 29 -4.68 9.82 -12.41
N GLY A 30 -4.45 11.04 -12.89
CA GLY A 30 -4.88 11.38 -14.23
C GLY A 30 -3.77 11.32 -15.25
N PRO A 31 -4.03 11.73 -16.50
CA PRO A 31 -3.03 11.71 -17.57
C PRO A 31 -1.88 12.67 -17.31
N GLY A 32 -0.67 12.25 -17.68
CA GLY A 32 0.50 13.08 -17.49
C GLY A 32 0.76 13.38 -16.02
N GLY A 33 0.95 14.66 -15.72
CA GLY A 33 1.21 15.06 -14.34
C GLY A 33 -0.04 15.49 -13.60
N GLN A 34 -1.19 14.96 -14.02
CA GLN A 34 -2.46 15.32 -13.40
C GLN A 34 -2.99 14.34 -12.36
N PHE A 35 -3.63 14.89 -11.33
CA PHE A 35 -4.26 14.10 -10.27
C PHE A 35 -5.47 14.89 -9.80
N SER A 36 -6.51 14.18 -9.40
CA SER A 36 -7.73 14.81 -8.92
C SER A 36 -8.08 14.27 -7.54
N VAL A 37 -8.45 15.16 -6.63
CA VAL A 37 -8.85 14.76 -5.29
C VAL A 37 -10.24 15.33 -5.03
N ASN A 38 -11.15 14.47 -4.59
CA ASN A 38 -12.51 14.87 -4.27
C ASN A 38 -12.80 14.32 -2.89
N TRP A 39 -13.07 15.20 -1.94
CA TRP A 39 -13.36 14.77 -0.58
C TRP A 39 -14.60 15.42 0.03
N SER A 40 -15.20 14.71 0.98
CA SER A 40 -16.39 15.17 1.67
C SER A 40 -16.41 14.60 3.08
N ASN A 41 -16.35 15.50 4.08
CA ASN A 41 -16.35 15.10 5.49
C ASN A 41 -15.26 14.06 5.71
N SER A 42 -14.07 14.36 5.20
CA SER A 42 -12.93 13.48 5.29
C SER A 42 -12.20 13.58 6.62
N GLY A 43 -11.06 12.91 6.67
CA GLY A 43 -10.21 12.96 7.84
C GLY A 43 -9.01 13.75 7.34
N ASN A 44 -7.81 13.28 7.67
CA ASN A 44 -6.60 13.94 7.23
C ASN A 44 -6.02 13.13 6.06
N PHE A 45 -5.63 13.82 4.99
CA PHE A 45 -5.05 13.16 3.82
C PHE A 45 -4.07 14.08 3.10
N VAL A 46 -3.16 13.46 2.35
CA VAL A 46 -2.16 14.17 1.55
C VAL A 46 -2.01 13.42 0.24
N GLY A 47 -2.22 14.10 -0.88
CA GLY A 47 -2.11 13.46 -2.17
C GLY A 47 -1.60 14.38 -3.25
N GLY A 48 -0.76 13.86 -4.14
CA GLY A 48 -0.22 14.67 -5.21
C GLY A 48 0.82 14.00 -6.09
N LYS A 49 1.26 14.73 -7.11
CA LYS A 49 2.26 14.23 -8.04
C LYS A 49 3.51 15.10 -8.03
N GLY A 50 4.62 14.52 -8.48
CA GLY A 50 5.87 15.26 -8.51
C GLY A 50 7.07 14.42 -8.89
N TRP A 51 8.14 14.57 -8.10
CA TRP A 51 9.39 13.88 -8.36
C TRP A 51 9.96 13.17 -7.15
N GLN A 52 10.77 12.16 -7.41
CA GLN A 52 11.42 11.36 -6.38
C GLN A 52 12.76 10.90 -6.96
N PRO A 53 13.87 11.53 -6.55
CA PRO A 53 13.92 12.64 -5.59
C PRO A 53 13.74 14.01 -6.24
N GLY A 54 13.49 15.02 -5.41
CA GLY A 54 13.34 16.37 -5.90
C GLY A 54 14.69 17.05 -5.88
N THR A 55 14.76 18.31 -6.33
CA THR A 55 16.01 19.04 -6.34
C THR A 55 15.85 20.36 -5.57
N LYS A 56 16.96 21.09 -5.43
CA LYS A 56 16.94 22.36 -4.72
C LYS A 56 16.89 23.56 -5.64
N ASN A 57 16.68 23.32 -6.93
CA ASN A 57 16.62 24.40 -7.92
C ASN A 57 15.50 24.19 -8.94
N LYS A 58 14.68 23.17 -8.71
CA LYS A 58 13.57 22.85 -9.60
C LYS A 58 12.51 23.94 -9.67
N VAL A 59 12.11 24.29 -10.89
CA VAL A 59 11.06 25.28 -11.10
C VAL A 59 9.83 24.44 -11.39
N ILE A 60 8.92 24.39 -10.42
CA ILE A 60 7.71 23.59 -10.52
C ILE A 60 6.51 24.36 -11.05
N ASN A 61 5.86 23.79 -12.06
CA ASN A 61 4.69 24.40 -12.67
C ASN A 61 3.45 23.60 -12.29
N PHE A 62 2.37 24.31 -11.96
CA PHE A 62 1.13 23.66 -11.61
C PHE A 62 -0.02 24.50 -12.13
N SER A 63 -1.09 23.83 -12.52
CA SER A 63 -2.26 24.51 -13.03
C SER A 63 -3.47 23.64 -12.78
N GLY A 64 -4.63 24.26 -12.71
CA GLY A 64 -5.85 23.50 -12.48
C GLY A 64 -6.83 24.23 -11.60
N SER A 65 -7.71 23.46 -10.97
CA SER A 65 -8.73 24.01 -10.10
C SER A 65 -8.54 23.48 -8.68
N TYR A 66 -8.70 24.38 -7.72
CA TYR A 66 -8.56 24.04 -6.31
C TYR A 66 -9.75 24.67 -5.59
N ASN A 67 -10.69 23.83 -5.16
CA ASN A 67 -11.90 24.30 -4.49
C ASN A 67 -12.09 23.71 -3.09
N PRO A 68 -11.37 24.23 -2.09
CA PRO A 68 -11.48 23.74 -0.72
C PRO A 68 -12.77 24.22 -0.05
N ASN A 69 -13.30 23.40 0.84
CA ASN A 69 -14.52 23.72 1.56
C ASN A 69 -14.18 23.42 3.02
N GLY A 70 -13.37 24.30 3.60
CA GLY A 70 -12.95 24.12 4.98
C GLY A 70 -11.43 24.12 5.06
N ASN A 71 -10.89 23.31 5.97
CA ASN A 71 -9.46 23.21 6.19
C ASN A 71 -8.76 22.37 5.11
N SER A 72 -7.90 23.01 4.34
CA SER A 72 -7.16 22.35 3.25
C SER A 72 -6.02 23.24 2.76
N TYR A 73 -4.96 22.63 2.21
CA TYR A 73 -3.82 23.38 1.68
C TYR A 73 -3.42 22.85 0.30
N LEU A 74 -2.88 23.75 -0.53
CA LEU A 74 -2.38 23.41 -1.86
C LEU A 74 -0.94 23.91 -1.82
N SER A 75 0.02 23.01 -1.92
CA SER A 75 1.41 23.43 -1.84
C SER A 75 2.46 22.50 -2.39
N VAL A 76 3.68 23.03 -2.48
CA VAL A 76 4.85 22.26 -2.90
C VAL A 76 5.28 21.68 -1.56
N TYR A 77 5.19 20.36 -1.45
CA TYR A 77 5.49 19.65 -0.23
C TYR A 77 6.54 18.55 -0.44
N GLY A 78 7.42 18.40 0.53
CA GLY A 78 8.45 17.38 0.41
C GLY A 78 9.23 17.17 1.68
N TRP A 79 10.24 16.32 1.58
CA TRP A 79 11.11 15.97 2.70
C TRP A 79 12.58 16.08 2.37
N SER A 80 13.38 16.04 3.44
CA SER A 80 14.84 16.09 3.36
C SER A 80 15.36 15.12 4.41
N ARG A 81 16.54 14.57 4.16
CA ARG A 81 17.16 13.63 5.09
C ARG A 81 18.52 14.22 5.46
N ASN A 82 18.91 14.04 6.72
CA ASN A 82 20.19 14.53 7.21
C ASN A 82 20.44 15.98 6.80
N PRO A 83 19.74 16.93 7.42
CA PRO A 83 18.73 16.75 8.48
C PRO A 83 17.34 16.35 7.97
N LEU A 84 16.60 15.67 8.85
CA LEU A 84 15.23 15.25 8.55
C LEU A 84 14.36 16.50 8.64
N ILE A 85 13.83 16.94 7.50
CA ILE A 85 12.99 18.14 7.44
C ILE A 85 11.77 17.90 6.57
N GLU A 86 10.63 18.43 7.01
CA GLU A 86 9.38 18.34 6.28
C GLU A 86 9.09 19.80 5.91
N TYR A 87 8.95 20.10 4.63
CA TYR A 87 8.71 21.48 4.23
C TYR A 87 7.44 21.73 3.43
N TYR A 88 6.98 22.98 3.46
CA TYR A 88 5.79 23.40 2.76
C TYR A 88 5.95 24.77 2.13
N ILE A 89 5.56 24.88 0.86
CA ILE A 89 5.57 26.15 0.14
C ILE A 89 4.09 26.28 -0.26
N VAL A 90 3.31 26.83 0.66
CA VAL A 90 1.85 27.00 0.48
C VAL A 90 1.44 28.08 -0.50
N GLU A 91 0.73 27.66 -1.55
CA GLU A 91 0.26 28.55 -2.59
C GLU A 91 -1.18 29.01 -2.35
N ASN A 92 -1.95 28.18 -1.65
CA ASN A 92 -3.35 28.47 -1.38
C ASN A 92 -3.82 27.55 -0.25
N PHE A 93 -4.76 28.05 0.56
CA PHE A 93 -5.33 27.26 1.64
C PHE A 93 -6.78 27.68 1.89
N GLY A 94 -7.53 26.84 2.60
CA GLY A 94 -8.91 27.13 2.89
C GLY A 94 -9.20 28.08 4.03
N THR A 95 -9.87 27.57 5.05
CA THR A 95 -10.25 28.37 6.21
C THR A 95 -9.19 28.49 7.30
N TYR A 96 -8.20 27.61 7.27
CA TYR A 96 -7.16 27.62 8.29
C TYR A 96 -5.76 27.90 7.75
N ASN A 97 -5.10 28.89 8.35
CA ASN A 97 -3.74 29.26 7.97
C ASN A 97 -2.84 28.28 8.72
N PRO A 98 -2.12 27.41 7.98
CA PRO A 98 -1.22 26.41 8.55
C PRO A 98 -0.05 26.96 9.36
N SER A 99 0.21 28.25 9.23
CA SER A 99 1.31 28.88 9.97
C SER A 99 0.88 29.27 11.39
N THR A 100 -0.39 29.02 11.71
CA THR A 100 -0.92 29.33 13.03
C THR A 100 -0.16 28.51 14.08
N GLY A 101 0.44 29.20 15.03
CA GLY A 101 1.19 28.53 16.07
C GLY A 101 2.64 28.29 15.71
N ALA A 102 3.07 28.86 14.58
CA ALA A 102 4.43 28.74 14.09
C ALA A 102 5.19 30.02 14.39
N THR A 103 6.52 29.92 14.42
CA THR A 103 7.34 31.09 14.70
C THR A 103 7.82 31.71 13.38
N LYS A 104 7.43 32.95 13.15
CA LYS A 104 7.84 33.63 11.93
C LYS A 104 9.33 33.99 12.01
N LEU A 105 10.07 33.62 10.98
CA LEU A 105 11.50 33.88 10.93
C LEU A 105 11.82 35.01 9.97
N GLY A 106 10.96 35.20 8.96
CA GLY A 106 11.21 36.25 8.00
C GLY A 106 10.23 36.24 6.83
N GLU A 107 10.61 36.92 5.75
CA GLU A 107 9.78 37.03 4.55
C GLU A 107 10.64 36.90 3.30
N VAL A 108 10.02 36.46 2.21
CA VAL A 108 10.71 36.30 0.93
C VAL A 108 9.77 36.57 -0.24
N THR A 109 10.26 37.30 -1.23
CA THR A 109 9.47 37.61 -2.42
C THR A 109 9.83 36.59 -3.50
N SER A 110 8.84 35.88 -4.01
CA SER A 110 9.08 34.90 -5.05
C SER A 110 7.84 34.66 -5.90
N ASP A 111 8.05 34.66 -7.21
CA ASP A 111 7.00 34.41 -8.19
C ASP A 111 5.73 35.25 -8.05
N GLY A 112 5.90 36.57 -7.99
CA GLY A 112 4.78 37.47 -7.90
C GLY A 112 4.08 37.67 -6.57
N SER A 113 4.74 37.33 -5.46
CA SER A 113 4.14 37.49 -4.14
C SER A 113 5.14 37.32 -3.01
N VAL A 114 4.85 37.97 -1.89
CA VAL A 114 5.68 37.88 -0.69
C VAL A 114 5.18 36.64 0.07
N TYR A 115 6.10 35.94 0.70
CA TYR A 115 5.79 34.75 1.48
C TYR A 115 6.30 34.99 2.89
N ASP A 116 5.58 34.45 3.87
CA ASP A 116 5.99 34.56 5.25
C ASP A 116 6.62 33.23 5.59
N ILE A 117 7.81 33.28 6.17
CA ILE A 117 8.58 32.09 6.54
C ILE A 117 8.38 31.71 8.01
N TYR A 118 8.12 30.43 8.25
CA TYR A 118 7.90 29.93 9.61
C TYR A 118 8.63 28.62 9.84
N ARG A 119 8.76 28.26 11.11
CA ARG A 119 9.40 27.02 11.50
C ARG A 119 8.70 26.48 12.75
N THR A 120 8.44 25.18 12.75
CA THR A 120 7.80 24.50 13.87
C THR A 120 8.56 23.20 14.09
N GLN A 121 8.47 22.64 15.28
CA GLN A 121 9.14 21.38 15.55
C GLN A 121 8.11 20.31 15.85
N ARG A 122 8.25 19.17 15.21
CA ARG A 122 7.34 18.05 15.41
C ARG A 122 8.10 16.99 16.20
N VAL A 123 7.74 16.85 17.47
CA VAL A 123 8.38 15.89 18.37
C VAL A 123 7.67 14.54 18.32
N ASN A 124 8.44 13.49 18.02
CA ASN A 124 7.94 12.13 17.94
C ASN A 124 6.71 11.96 17.07
N GLN A 125 6.80 12.47 15.85
CA GLN A 125 5.73 12.37 14.88
C GLN A 125 6.19 11.48 13.73
N PRO A 126 5.24 10.81 13.05
CA PRO A 126 5.61 9.93 11.92
C PRO A 126 6.27 10.73 10.80
N SER A 127 7.20 10.09 10.10
CA SER A 127 7.92 10.71 9.00
C SER A 127 8.28 9.65 7.97
N ILE A 128 9.08 10.03 6.98
CA ILE A 128 9.51 9.11 5.93
C ILE A 128 10.46 8.03 6.47
N ILE A 129 10.93 8.21 7.70
CA ILE A 129 11.82 7.24 8.34
C ILE A 129 11.17 6.69 9.62
N GLY A 130 9.87 6.91 9.76
CA GLY A 130 9.14 6.44 10.93
C GLY A 130 8.97 7.54 11.97
N THR A 131 8.61 7.14 13.18
CA THR A 131 8.42 8.11 14.26
C THR A 131 9.74 8.78 14.59
N ALA A 132 9.76 10.11 14.45
CA ALA A 132 10.97 10.87 14.72
C ALA A 132 10.66 12.33 15.05
N THR A 133 11.70 13.05 15.48
CA THR A 133 11.57 14.46 15.82
C THR A 133 12.28 15.23 14.73
N PHE A 134 11.57 16.16 14.12
CA PHE A 134 12.12 16.95 13.02
C PHE A 134 11.50 18.34 12.96
N TYR A 135 12.16 19.24 12.25
CA TYR A 135 11.66 20.59 12.08
C TYR A 135 10.76 20.60 10.85
N GLN A 136 9.85 21.55 10.83
CA GLN A 136 8.90 21.70 9.75
C GLN A 136 9.05 23.13 9.26
N TYR A 137 9.48 23.29 8.01
CA TYR A 137 9.65 24.63 7.44
C TYR A 137 8.47 25.04 6.58
N TRP A 138 8.06 26.29 6.73
CA TRP A 138 6.91 26.81 6.00
C TRP A 138 7.22 28.08 5.22
N SER A 139 6.51 28.25 4.11
CA SER A 139 6.62 29.41 3.24
C SER A 139 5.18 29.61 2.79
N VAL A 140 4.47 30.54 3.43
CA VAL A 140 3.07 30.79 3.10
C VAL A 140 2.88 32.00 2.20
N ARG A 141 2.30 31.76 1.02
CA ARG A 141 2.05 32.80 0.03
C ARG A 141 0.92 33.73 0.45
N ARG A 142 1.18 35.03 0.38
CA ARG A 142 0.18 36.04 0.75
C ARG A 142 -0.93 36.14 -0.30
N ASN A 143 -0.57 36.10 -1.57
CA ASN A 143 -1.54 36.17 -2.66
C ASN A 143 -1.87 34.76 -3.16
N HIS A 144 -2.94 34.18 -2.64
CA HIS A 144 -3.37 32.84 -3.01
C HIS A 144 -3.61 32.64 -4.51
N ARG A 145 -3.31 31.44 -5.01
CA ARG A 145 -3.50 31.11 -6.42
C ARG A 145 -3.56 29.59 -6.59
N SER A 146 -4.12 29.15 -7.71
CA SER A 146 -4.25 27.72 -8.00
C SER A 146 -3.47 27.33 -9.26
N SER A 147 -2.79 28.31 -9.85
CA SER A 147 -2.00 28.11 -11.06
C SER A 147 -0.80 29.03 -11.00
N GLY A 148 0.35 28.53 -11.43
CA GLY A 148 1.56 29.35 -11.41
C GLY A 148 2.82 28.52 -11.50
N SER A 149 3.93 29.15 -11.14
CA SER A 149 5.23 28.51 -11.18
C SER A 149 5.98 28.86 -9.90
N VAL A 150 6.54 27.85 -9.26
CA VAL A 150 7.29 28.03 -8.04
C VAL A 150 8.78 27.74 -8.26
N ASN A 151 9.61 28.73 -7.99
CA ASN A 151 11.05 28.58 -8.11
C ASN A 151 11.53 28.21 -6.71
N THR A 152 11.64 26.90 -6.46
CA THR A 152 12.03 26.39 -5.15
C THR A 152 13.33 26.96 -4.60
N ALA A 153 14.26 27.32 -5.48
CA ALA A 153 15.54 27.87 -5.07
C ALA A 153 15.39 29.12 -4.21
N ASN A 154 14.44 29.99 -4.58
CA ASN A 154 14.20 31.23 -3.84
C ASN A 154 13.79 30.97 -2.40
N HIS A 155 13.05 29.89 -2.18
CA HIS A 155 12.60 29.53 -0.86
C HIS A 155 13.71 28.86 -0.06
N PHE A 156 14.35 27.85 -0.66
CA PHE A 156 15.44 27.14 0.00
C PHE A 156 16.57 28.08 0.41
N ASN A 157 16.84 29.10 -0.42
CA ASN A 157 17.88 30.08 -0.12
C ASN A 157 17.47 30.98 1.03
N ALA A 158 16.20 31.39 1.05
CA ALA A 158 15.69 32.25 2.11
C ALA A 158 15.71 31.50 3.43
N TRP A 159 15.37 30.22 3.39
CA TRP A 159 15.36 29.36 4.58
C TRP A 159 16.78 29.18 5.09
N ALA A 160 17.72 29.02 4.16
CA ALA A 160 19.13 28.83 4.49
C ALA A 160 19.69 30.05 5.22
N GLN A 161 19.19 31.23 4.87
CA GLN A 161 19.62 32.47 5.50
C GLN A 161 19.09 32.58 6.92
N GLN A 162 17.99 31.88 7.19
CA GLN A 162 17.37 31.88 8.51
C GLN A 162 17.89 30.77 9.41
N GLY A 163 18.83 29.99 8.90
CA GLY A 163 19.41 28.91 9.69
C GLY A 163 18.91 27.52 9.34
N LEU A 164 18.70 27.26 8.05
CA LEU A 164 18.25 25.96 7.60
C LEU A 164 19.21 25.39 6.56
N THR A 165 19.64 24.16 6.79
CA THR A 165 20.56 23.50 5.87
C THR A 165 19.95 22.17 5.42
N LEU A 166 19.33 22.16 4.24
CA LEU A 166 18.73 20.96 3.70
C LEU A 166 19.81 19.98 3.26
N GLY A 167 19.56 18.69 3.45
CA GLY A 167 20.53 17.69 3.06
C GLY A 167 20.12 16.97 1.79
N THR A 168 19.83 15.68 1.93
CA THR A 168 19.41 14.87 0.80
C THR A 168 17.92 15.01 0.56
N MET A 169 17.56 15.48 -0.62
CA MET A 169 16.16 15.66 -0.97
C MET A 169 15.48 14.33 -1.26
N ASP A 170 14.35 14.10 -0.61
CA ASP A 170 13.57 12.90 -0.83
C ASP A 170 12.51 13.32 -1.85
N TYR A 171 11.24 12.93 -1.67
CA TYR A 171 10.22 13.35 -2.64
C TYR A 171 9.85 14.82 -2.57
N GLN A 172 9.39 15.34 -3.71
CA GLN A 172 9.00 16.74 -3.86
C GLN A 172 7.79 16.73 -4.77
N ILE A 173 6.63 17.00 -4.21
CA ILE A 173 5.39 16.97 -4.98
C ILE A 173 4.52 18.20 -4.77
N VAL A 174 3.52 18.35 -5.64
CA VAL A 174 2.55 19.43 -5.52
C VAL A 174 1.39 18.66 -4.91
N ALA A 175 1.14 18.90 -3.63
CA ALA A 175 0.11 18.18 -2.91
C ALA A 175 -1.09 18.98 -2.41
N VAL A 176 -2.19 18.25 -2.26
CA VAL A 176 -3.44 18.77 -1.74
C VAL A 176 -3.62 18.04 -0.41
N GLU A 177 -3.63 18.80 0.68
CA GLU A 177 -3.81 18.19 1.99
C GLU A 177 -5.14 18.69 2.55
N GLY A 178 -5.92 17.78 3.12
CA GLY A 178 -7.20 18.15 3.69
C GLY A 178 -7.25 17.73 5.14
N TYR A 179 -7.95 18.50 5.96
CA TYR A 179 -8.08 18.18 7.38
C TYR A 179 -9.53 18.28 7.82
N PHE A 180 -10.21 17.14 7.84
CA PHE A 180 -11.61 17.05 8.24
C PHE A 180 -12.46 18.11 7.57
N SER A 181 -12.45 18.10 6.24
CA SER A 181 -13.20 19.06 5.46
C SER A 181 -13.77 18.43 4.20
N SER A 182 -14.09 19.27 3.23
CA SER A 182 -14.63 18.83 1.95
C SER A 182 -14.01 19.68 0.86
N GLY A 183 -14.19 19.26 -0.38
CA GLY A 183 -13.64 20.03 -1.49
C GLY A 183 -13.33 19.17 -2.68
N SER A 184 -12.69 19.78 -3.67
CA SER A 184 -12.30 19.09 -4.89
C SER A 184 -11.14 19.84 -5.51
N ALA A 185 -10.35 19.13 -6.30
CA ALA A 185 -9.19 19.72 -6.97
C ALA A 185 -8.69 18.84 -8.10
N SER A 186 -8.18 19.48 -9.14
CA SER A 186 -7.60 18.80 -10.29
C SER A 186 -6.40 19.66 -10.64
N ILE A 187 -5.23 19.16 -10.29
CA ILE A 187 -3.99 19.87 -10.54
C ILE A 187 -3.09 19.08 -11.49
N THR A 188 -2.40 19.80 -12.36
CA THR A 188 -1.48 19.19 -13.32
C THR A 188 -0.11 19.79 -13.05
N VAL A 189 0.86 18.90 -12.82
CA VAL A 189 2.24 19.29 -12.52
C VAL A 189 3.14 19.11 -13.75
N SER A 190 4.10 20.02 -13.90
CA SER A 190 5.06 20.00 -15.00
C SER A 190 6.44 20.36 -14.49
N THR B 2 0.58 -38.13 9.96
CA THR B 2 0.93 -38.09 8.54
C THR B 2 -0.23 -38.70 7.76
N ILE B 3 -0.78 -37.93 6.83
CA ILE B 3 -1.92 -38.41 6.06
C ILE B 3 -1.79 -38.23 4.55
N GLN B 4 -2.70 -38.89 3.84
CA GLN B 4 -2.79 -38.81 2.39
C GLN B 4 -3.78 -37.68 2.11
N PRO B 5 -3.85 -37.18 0.87
CA PRO B 5 -4.79 -36.11 0.56
C PRO B 5 -6.22 -36.31 1.08
N GLY B 6 -6.79 -35.22 1.58
CA GLY B 6 -8.13 -35.24 2.12
C GLY B 6 -8.43 -33.96 2.88
N THR B 7 -9.66 -33.86 3.37
CA THR B 7 -10.10 -32.69 4.13
C THR B 7 -10.74 -33.20 5.41
N GLY B 8 -10.91 -32.29 6.38
CA GLY B 8 -11.53 -32.67 7.63
C GLY B 8 -11.21 -31.72 8.76
N TYR B 9 -11.36 -32.21 9.98
CA TYR B 9 -11.08 -31.42 11.17
C TYR B 9 -10.06 -32.13 12.05
N ASN B 10 -9.07 -31.39 12.51
CA ASN B 10 -8.02 -31.94 13.35
C ASN B 10 -7.70 -30.96 14.47
N ASN B 11 -7.89 -31.42 15.71
CA ASN B 11 -7.62 -30.64 16.90
C ASN B 11 -8.36 -29.30 16.95
N GLY B 12 -9.56 -29.28 16.38
CA GLY B 12 -10.36 -28.08 16.36
C GLY B 12 -10.33 -27.26 15.07
N TYR B 13 -9.35 -27.50 14.23
CA TYR B 13 -9.21 -26.75 12.98
C TYR B 13 -9.50 -27.56 11.73
N PHE B 14 -9.94 -26.88 10.68
CA PHE B 14 -10.21 -27.53 9.42
C PHE B 14 -8.87 -27.64 8.69
N TYR B 15 -8.68 -28.72 7.94
CA TYR B 15 -7.46 -28.89 7.17
C TYR B 15 -7.84 -29.39 5.79
N SER B 16 -6.97 -29.12 4.83
CA SER B 16 -7.17 -29.56 3.46
C SER B 16 -5.80 -29.85 2.89
N TYR B 17 -5.64 -31.06 2.37
CA TYR B 17 -4.40 -31.50 1.76
C TYR B 17 -4.71 -32.08 0.39
N TRP B 18 -4.01 -31.59 -0.62
CA TRP B 18 -4.20 -32.03 -1.99
C TRP B 18 -2.87 -32.10 -2.73
N ASN B 19 -2.77 -33.04 -3.68
CA ASN B 19 -1.58 -33.17 -4.50
C ASN B 19 -1.96 -33.72 -5.87
N ASP B 20 -1.08 -33.54 -6.85
CA ASP B 20 -1.33 -33.99 -8.21
C ASP B 20 -1.06 -35.48 -8.46
N GLY B 21 -0.80 -36.22 -7.38
CA GLY B 21 -0.53 -37.64 -7.52
C GLY B 21 0.96 -37.95 -7.44
N HIS B 22 1.79 -36.97 -7.77
CA HIS B 22 3.24 -37.13 -7.74
C HIS B 22 3.72 -37.28 -6.30
N GLY B 23 4.77 -38.08 -6.11
CA GLY B 23 5.32 -38.30 -4.78
C GLY B 23 6.30 -37.24 -4.34
N GLY B 24 6.95 -37.48 -3.20
CA GLY B 24 7.93 -36.54 -2.67
C GLY B 24 7.38 -35.56 -1.65
N VAL B 25 6.14 -35.77 -1.19
CA VAL B 25 5.52 -34.88 -0.22
C VAL B 25 4.98 -35.63 1.01
N THR B 26 5.29 -35.10 2.18
CA THR B 26 4.83 -35.68 3.44
C THR B 26 4.10 -34.60 4.23
N TYR B 27 2.79 -34.76 4.35
CA TYR B 27 1.96 -33.81 5.10
C TYR B 27 1.60 -34.43 6.45
N THR B 28 1.79 -33.65 7.52
CA THR B 28 1.49 -34.13 8.85
C THR B 28 0.71 -33.11 9.67
N ASN B 29 -0.45 -33.52 10.18
CA ASN B 29 -1.27 -32.65 11.02
C ASN B 29 -0.67 -32.68 12.42
N GLY B 30 -0.37 -31.51 12.98
CA GLY B 30 0.21 -31.44 14.30
C GLY B 30 -0.80 -31.04 15.36
N PRO B 31 -0.33 -30.77 16.60
CA PRO B 31 -1.20 -30.38 17.70
C PRO B 31 -1.77 -28.97 17.50
N GLY B 32 -3.01 -28.77 17.94
CA GLY B 32 -3.64 -27.45 17.80
C GLY B 32 -3.81 -27.03 16.36
N GLY B 33 -3.37 -25.81 16.05
CA GLY B 33 -3.48 -25.32 14.68
C GLY B 33 -2.21 -25.49 13.87
N GLN B 34 -1.36 -26.44 14.28
CA GLN B 34 -0.09 -26.68 13.59
C GLN B 34 -0.12 -27.81 12.57
N PHE B 35 0.63 -27.64 11.50
CA PHE B 35 0.77 -28.63 10.44
C PHE B 35 2.19 -28.54 9.92
N SER B 36 2.73 -29.67 9.46
CA SER B 36 4.09 -29.72 8.94
C SER B 36 4.09 -30.34 7.56
N VAL B 37 4.94 -29.82 6.69
CA VAL B 37 5.07 -30.34 5.34
C VAL B 37 6.56 -30.46 5.04
N ASN B 38 6.95 -31.62 4.53
CA ASN B 38 8.33 -31.88 4.15
C ASN B 38 8.28 -32.52 2.78
N TRP B 39 8.92 -31.88 1.81
CA TRP B 39 8.92 -32.39 0.46
C TRP B 39 10.29 -32.32 -0.22
N SER B 40 10.52 -33.25 -1.14
CA SER B 40 11.77 -33.31 -1.88
C SER B 40 11.48 -33.88 -3.26
N ASN B 41 11.79 -33.08 -4.29
CA ASN B 41 11.56 -33.48 -5.68
C ASN B 41 10.10 -33.91 -5.84
N SER B 42 9.21 -33.05 -5.36
CA SER B 42 7.78 -33.28 -5.39
C SER B 42 7.13 -32.85 -6.69
N GLY B 43 5.81 -32.85 -6.67
CA GLY B 43 5.02 -32.42 -7.81
C GLY B 43 4.33 -31.15 -7.33
N ASN B 44 3.04 -31.05 -7.61
CA ASN B 44 2.26 -29.89 -7.19
C ASN B 44 1.38 -30.32 -6.02
N PHE B 45 1.43 -29.58 -4.93
CA PHE B 45 0.64 -29.88 -3.74
C PHE B 45 0.20 -28.61 -3.02
N VAL B 46 -0.86 -28.73 -2.23
CA VAL B 46 -1.39 -27.62 -1.45
C VAL B 46 -1.89 -28.21 -0.13
N GLY B 47 -1.46 -27.65 0.99
CA GLY B 47 -1.90 -28.16 2.28
C GLY B 47 -1.80 -27.14 3.39
N GLY B 48 -2.72 -27.21 4.35
CA GLY B 48 -2.70 -26.28 5.46
C GLY B 48 -3.91 -26.39 6.36
N LYS B 49 -3.90 -25.63 7.45
CA LYS B 49 -5.01 -25.63 8.40
C LYS B 49 -5.70 -24.28 8.42
N GLY B 50 -6.97 -24.27 8.78
CA GLY B 50 -7.72 -23.03 8.81
C GLY B 50 -9.16 -23.19 9.23
N TRP B 51 -10.06 -22.65 8.42
CA TRP B 51 -11.48 -22.67 8.71
C TRP B 51 -12.37 -23.06 7.53
N GLN B 52 -13.54 -23.61 7.86
CA GLN B 52 -14.53 -24.02 6.88
C GLN B 52 -15.90 -23.79 7.53
N PRO B 53 -16.63 -22.77 7.06
CA PRO B 53 -16.23 -21.85 5.98
C PRO B 53 -15.38 -20.68 6.46
N GLY B 54 -14.87 -19.91 5.50
CA GLY B 54 -14.08 -18.74 5.84
C GLY B 54 -14.99 -17.54 5.93
N THR B 55 -14.44 -16.39 6.29
CA THR B 55 -15.20 -15.16 6.40
C THR B 55 -14.47 -14.04 5.66
N LYS B 56 -15.19 -12.99 5.32
CA LYS B 56 -14.59 -11.87 4.59
C LYS B 56 -13.94 -10.81 5.48
N ASN B 57 -13.82 -11.09 6.78
CA ASN B 57 -13.22 -10.14 7.70
C ASN B 57 -12.36 -10.79 8.78
N LYS B 58 -11.93 -12.02 8.53
CA LYS B 58 -11.11 -12.73 9.49
C LYS B 58 -9.68 -12.24 9.56
N VAL B 59 -9.15 -12.16 10.78
CA VAL B 59 -7.77 -11.76 11.01
C VAL B 59 -7.08 -13.08 11.32
N ILE B 60 -6.25 -13.53 10.39
CA ILE B 60 -5.53 -14.79 10.52
C ILE B 60 -4.11 -14.63 11.02
N ASN B 61 -3.78 -15.38 12.07
CA ASN B 61 -2.45 -15.35 12.65
C ASN B 61 -1.72 -16.64 12.28
N PHE B 62 -0.43 -16.51 11.97
CA PHE B 62 0.37 -17.67 11.62
C PHE B 62 1.81 -17.47 12.10
N SER B 63 2.49 -18.57 12.38
CA SER B 63 3.86 -18.53 12.84
C SER B 63 4.52 -19.88 12.66
N GLY B 64 5.83 -19.88 12.48
CA GLY B 64 6.53 -21.13 12.30
C GLY B 64 7.72 -20.97 11.39
N SER B 65 8.22 -22.08 10.88
CA SER B 65 9.36 -22.06 9.98
C SER B 65 8.93 -22.39 8.57
N TYR B 66 9.45 -21.63 7.61
CA TYR B 66 9.14 -21.84 6.21
C TYR B 66 10.48 -21.80 5.50
N ASN B 67 10.93 -22.96 5.05
CA ASN B 67 12.21 -23.06 4.36
C ASN B 67 12.07 -23.76 3.03
N PRO B 68 11.61 -23.03 2.00
CA PRO B 68 11.43 -23.58 0.65
C PRO B 68 12.76 -23.73 -0.06
N ASN B 69 12.82 -24.68 -0.98
CA ASN B 69 14.02 -24.93 -1.75
C ASN B 69 13.57 -25.09 -3.20
N GLY B 70 13.15 -23.96 -3.77
CA GLY B 70 12.66 -23.95 -5.14
C GLY B 70 11.34 -23.19 -5.20
N ASN B 71 10.49 -23.59 -6.13
CA ASN B 71 9.18 -22.97 -6.32
C ASN B 71 8.19 -23.43 -5.24
N SER B 72 7.79 -22.49 -4.39
CA SER B 72 6.85 -22.77 -3.30
C SER B 72 6.27 -21.45 -2.78
N TYR B 73 5.07 -21.50 -2.20
CA TYR B 73 4.42 -20.32 -1.64
C TYR B 73 3.93 -20.60 -0.23
N LEU B 74 3.77 -19.53 0.54
CA LEU B 74 3.24 -19.58 1.90
C LEU B 74 2.18 -18.49 1.85
N SER B 75 0.91 -18.87 1.99
CA SER B 75 -0.14 -17.86 1.89
C SER B 75 -1.50 -18.19 2.47
N VAL B 76 -2.32 -17.15 2.61
CA VAL B 76 -3.70 -17.30 3.07
C VAL B 76 -4.35 -17.69 1.75
N TYR B 77 -4.90 -18.90 1.70
CA TYR B 77 -5.50 -19.46 0.50
C TYR B 77 -6.93 -19.95 0.73
N GLY B 78 -7.75 -19.84 -0.30
CA GLY B 78 -9.13 -20.30 -0.16
C GLY B 78 -9.93 -20.24 -1.44
N TRP B 79 -11.21 -20.57 -1.30
CA TRP B 79 -12.12 -20.58 -2.43
C TRP B 79 -13.43 -19.86 -2.16
N SER B 80 -14.10 -19.53 -3.24
CA SER B 80 -15.40 -18.88 -3.22
C SER B 80 -16.21 -19.62 -4.27
N ARG B 81 -17.53 -19.63 -4.08
CA ARG B 81 -18.43 -20.28 -5.02
C ARG B 81 -19.40 -19.19 -5.44
N ASN B 82 -19.82 -19.22 -6.70
CA ASN B 82 -20.76 -18.25 -7.23
C ASN B 82 -20.36 -16.82 -6.90
N PRO B 83 -19.31 -16.30 -7.54
CA PRO B 83 -18.48 -16.97 -8.55
C PRO B 83 -17.39 -17.87 -7.98
N LEU B 84 -16.97 -18.84 -8.78
CA LEU B 84 -15.91 -19.77 -8.39
C LEU B 84 -14.57 -19.04 -8.48
N ILE B 85 -13.94 -18.82 -7.33
CA ILE B 85 -12.67 -18.10 -7.27
C ILE B 85 -11.68 -18.81 -6.35
N GLU B 86 -10.41 -18.84 -6.76
CA GLU B 86 -9.34 -19.42 -5.96
C GLU B 86 -8.49 -18.19 -5.65
N TYR B 87 -8.37 -17.84 -4.37
CA TYR B 87 -7.60 -16.65 -4.00
C TYR B 87 -6.33 -16.92 -3.19
N TYR B 88 -5.38 -15.99 -3.34
CA TYR B 88 -4.09 -16.06 -2.67
C TYR B 88 -3.66 -14.73 -2.08
N ILE B 89 -3.19 -14.79 -0.83
CA ILE B 89 -2.65 -13.63 -0.14
C ILE B 89 -1.27 -14.18 0.23
N VAL B 90 -0.34 -14.08 -0.72
CA VAL B 90 1.02 -14.61 -0.57
C VAL B 90 1.91 -13.82 0.38
N GLU B 91 2.31 -14.47 1.46
CA GLU B 91 3.16 -13.87 2.48
C GLU B 91 4.64 -14.13 2.25
N ASN B 92 4.94 -15.25 1.59
CA ASN B 92 6.32 -15.63 1.32
C ASN B 92 6.35 -16.65 0.18
N PHE B 93 7.42 -16.66 -0.59
CA PHE B 93 7.57 -17.61 -1.68
C PHE B 93 9.03 -17.94 -1.96
N GLY B 94 9.26 -18.95 -2.79
CA GLY B 94 10.62 -19.36 -3.10
C GLY B 94 11.29 -18.66 -4.27
N THR B 95 11.66 -19.44 -5.27
CA THR B 95 12.36 -18.94 -6.45
C THR B 95 11.45 -18.38 -7.55
N TYR B 96 10.15 -18.67 -7.47
CA TYR B 96 9.22 -18.20 -8.48
C TYR B 96 8.13 -17.29 -7.94
N ASN B 97 8.09 -16.06 -8.45
CA ASN B 97 7.07 -15.10 -8.06
C ASN B 97 5.82 -15.57 -8.80
N PRO B 98 4.76 -15.92 -8.06
CA PRO B 98 3.49 -16.39 -8.61
C PRO B 98 2.80 -15.43 -9.58
N SER B 99 3.13 -14.15 -9.50
CA SER B 99 2.52 -13.15 -10.37
C SER B 99 3.22 -12.98 -11.71
N THR B 100 4.20 -13.83 -11.99
CA THR B 100 4.95 -13.76 -13.24
C THR B 100 4.03 -13.90 -14.45
N GLY B 101 4.07 -12.91 -15.34
CA GLY B 101 3.25 -12.95 -16.54
C GLY B 101 1.81 -12.53 -16.36
N ALA B 102 1.37 -12.42 -15.10
CA ALA B 102 -0.01 -12.02 -14.78
C ALA B 102 -0.19 -10.52 -14.95
N THR B 103 -1.45 -10.09 -15.03
CA THR B 103 -1.75 -8.67 -15.18
C THR B 103 -1.93 -7.99 -13.83
N LYS B 104 -1.16 -6.93 -13.61
CA LYS B 104 -1.18 -6.16 -12.38
C LYS B 104 -2.38 -5.21 -12.37
N LEU B 105 -3.23 -5.36 -11.35
CA LEU B 105 -4.43 -4.53 -11.23
C LEU B 105 -4.24 -3.33 -10.31
N GLY B 106 -3.42 -3.47 -9.28
CA GLY B 106 -3.20 -2.37 -8.36
C GLY B 106 -2.29 -2.74 -7.21
N GLU B 107 -2.32 -1.92 -6.16
CA GLU B 107 -1.50 -2.12 -4.98
C GLU B 107 -2.31 -1.78 -3.73
N VAL B 108 -2.01 -2.46 -2.64
CA VAL B 108 -2.69 -2.22 -1.37
C VAL B 108 -1.70 -2.39 -0.23
N THR B 109 -1.74 -1.48 0.73
CA THR B 109 -0.84 -1.56 1.88
C THR B 109 -1.61 -2.19 3.03
N SER B 110 -1.09 -3.29 3.56
CA SER B 110 -1.74 -3.96 4.67
C SER B 110 -0.75 -4.73 5.52
N ASP B 111 -0.97 -4.68 6.82
CA ASP B 111 -0.16 -5.38 7.80
C ASP B 111 1.35 -5.18 7.68
N GLY B 112 1.75 -3.92 7.50
CA GLY B 112 3.16 -3.59 7.41
C GLY B 112 3.87 -3.75 6.08
N SER B 113 3.12 -3.97 5.00
CA SER B 113 3.75 -4.12 3.70
C SER B 113 2.82 -3.84 2.54
N VAL B 114 3.39 -3.45 1.41
CA VAL B 114 2.63 -3.19 0.20
C VAL B 114 2.44 -4.55 -0.47
N TYR B 115 1.29 -4.72 -1.11
CA TYR B 115 0.96 -5.94 -1.82
C TYR B 115 0.61 -5.54 -3.24
N ASP B 116 1.00 -6.38 -4.20
CA ASP B 116 0.69 -6.13 -5.61
C ASP B 116 -0.49 -7.04 -5.92
N ILE B 117 -1.50 -6.48 -6.57
CA ILE B 117 -2.72 -7.20 -6.92
C ILE B 117 -2.70 -7.72 -8.36
N TYR B 118 -3.08 -8.98 -8.54
CA TYR B 118 -3.12 -9.61 -9.86
C TYR B 118 -4.34 -10.50 -10.04
N ARG B 119 -4.65 -10.80 -11.29
CA ARG B 119 -5.77 -11.67 -11.61
C ARG B 119 -5.36 -12.53 -12.81
N THR B 120 -5.65 -13.82 -12.72
CA THR B 120 -5.32 -14.75 -13.78
C THR B 120 -6.52 -15.67 -13.93
N GLN B 121 -6.56 -16.44 -15.01
CA GLN B 121 -7.66 -17.36 -15.22
C GLN B 121 -7.13 -18.76 -15.50
N ARG B 122 -7.81 -19.76 -14.96
CA ARG B 122 -7.44 -21.15 -15.18
C ARG B 122 -8.60 -21.81 -15.92
N VAL B 123 -8.32 -22.31 -17.10
CA VAL B 123 -9.34 -22.94 -17.92
C VAL B 123 -9.27 -24.46 -17.81
N ASN B 124 -10.41 -25.08 -17.47
CA ASN B 124 -10.51 -26.52 -17.33
C ASN B 124 -9.46 -27.11 -16.39
N GLN B 125 -9.28 -26.46 -15.23
CA GLN B 125 -8.31 -26.90 -14.24
C GLN B 125 -9.01 -27.44 -13.01
N PRO B 126 -8.30 -28.20 -12.16
CA PRO B 126 -8.89 -28.76 -10.94
C PRO B 126 -9.37 -27.66 -9.99
N SER B 127 -10.51 -27.92 -9.36
CA SER B 127 -11.09 -26.96 -8.41
C SER B 127 -11.90 -27.73 -7.36
N ILE B 128 -12.54 -27.00 -6.46
CA ILE B 128 -13.35 -27.62 -5.40
C ILE B 128 -14.61 -28.32 -5.92
N ILE B 129 -14.99 -28.02 -7.17
CA ILE B 129 -16.18 -28.62 -7.77
C ILE B 129 -15.78 -29.54 -8.93
N GLY B 130 -14.48 -29.83 -9.02
CA GLY B 130 -13.98 -30.67 -10.08
C GLY B 130 -13.36 -29.81 -11.17
N THR B 131 -13.10 -30.41 -12.32
CA THR B 131 -12.51 -29.69 -13.44
C THR B 131 -13.43 -28.56 -13.88
N ALA B 132 -12.93 -27.33 -13.78
CA ALA B 132 -13.73 -26.17 -14.15
C ALA B 132 -12.86 -24.98 -14.53
N THR B 133 -13.51 -23.88 -14.89
CA THR B 133 -12.83 -22.65 -15.27
C THR B 133 -13.15 -21.59 -14.22
N PHE B 134 -12.11 -20.90 -13.75
CA PHE B 134 -12.27 -19.90 -12.71
C PHE B 134 -11.13 -18.89 -12.71
N TYR B 135 -11.34 -17.77 -12.03
CA TYR B 135 -10.32 -16.74 -11.92
C TYR B 135 -9.57 -16.92 -10.61
N GLN B 136 -8.32 -16.48 -10.60
CA GLN B 136 -7.46 -16.55 -9.41
C GLN B 136 -7.19 -15.11 -9.01
N TYR B 137 -7.37 -14.79 -7.74
CA TYR B 137 -7.08 -13.45 -7.24
C TYR B 137 -5.76 -13.56 -6.49
N TRP B 138 -4.89 -12.56 -6.65
CA TRP B 138 -3.59 -12.58 -6.00
C TRP B 138 -3.26 -11.28 -5.27
N SER B 139 -2.59 -11.42 -4.13
CA SER B 139 -2.11 -10.30 -3.32
C SER B 139 -0.73 -10.79 -2.87
N VAL B 140 0.31 -10.32 -3.55
CA VAL B 140 1.67 -10.74 -3.25
C VAL B 140 2.41 -9.70 -2.40
N ARG B 141 2.81 -10.12 -1.21
CA ARG B 141 3.53 -9.27 -0.26
C ARG B 141 4.95 -8.98 -0.73
N ARG B 142 5.32 -7.70 -0.73
CA ARG B 142 6.65 -7.30 -1.14
C ARG B 142 7.70 -7.68 -0.10
N ASN B 143 7.38 -7.46 1.18
CA ASN B 143 8.28 -7.78 2.28
C ASN B 143 7.92 -9.15 2.85
N HIS B 144 8.60 -10.19 2.37
CA HIS B 144 8.36 -11.57 2.81
C HIS B 144 8.50 -11.82 4.31
N ARG B 145 7.68 -12.73 4.82
CA ARG B 145 7.68 -13.11 6.23
C ARG B 145 7.06 -14.49 6.43
N SER B 146 7.43 -15.16 7.52
CA SER B 146 6.92 -16.49 7.84
C SER B 146 6.07 -16.49 9.10
N SER B 147 5.83 -15.29 9.64
CA SER B 147 5.02 -15.11 10.84
C SER B 147 4.36 -13.75 10.80
N GLY B 148 3.12 -13.67 11.29
CA GLY B 148 2.42 -12.40 11.30
C GLY B 148 0.92 -12.56 11.35
N SER B 149 0.22 -11.45 11.11
CA SER B 149 -1.22 -11.43 11.10
C SER B 149 -1.69 -10.84 9.78
N VAL B 150 -2.74 -11.43 9.21
CA VAL B 150 -3.28 -10.96 7.94
C VAL B 150 -4.74 -10.59 8.11
N ASN B 151 -5.05 -9.31 7.94
CA ASN B 151 -6.42 -8.84 8.03
C ASN B 151 -6.97 -9.04 6.61
N THR B 152 -7.65 -10.16 6.41
CA THR B 152 -8.20 -10.51 5.09
C THR B 152 -9.14 -9.47 4.48
N ALA B 153 -9.80 -8.68 5.34
CA ALA B 153 -10.74 -7.66 4.88
C ALA B 153 -10.09 -6.62 3.98
N ASN B 154 -8.86 -6.20 4.32
CA ASN B 154 -8.15 -5.21 3.53
C ASN B 154 -7.92 -5.69 2.11
N HIS B 155 -7.65 -6.99 1.97
CA HIS B 155 -7.40 -7.59 0.66
C HIS B 155 -8.69 -7.75 -0.13
N PHE B 156 -9.72 -8.28 0.53
CA PHE B 156 -11.00 -8.49 -0.12
C PHE B 156 -11.61 -7.17 -0.61
N ASN B 157 -11.46 -6.11 0.17
CA ASN B 157 -12.00 -4.80 -0.21
C ASN B 157 -11.21 -4.21 -1.37
N ALA B 158 -9.89 -4.40 -1.36
CA ALA B 158 -9.02 -3.92 -2.42
C ALA B 158 -9.41 -4.60 -3.73
N TRP B 159 -9.65 -5.90 -3.67
CA TRP B 159 -10.03 -6.69 -4.83
C TRP B 159 -11.40 -6.24 -5.33
N ALA B 160 -12.33 -5.99 -4.40
CA ALA B 160 -13.68 -5.55 -4.74
C ALA B 160 -13.63 -4.25 -5.53
N GLN B 161 -12.67 -3.39 -5.18
CA GLN B 161 -12.47 -2.12 -5.85
C GLN B 161 -11.97 -2.29 -7.29
N GLN B 162 -11.41 -3.46 -7.58
CA GLN B 162 -10.91 -3.76 -8.92
C GLN B 162 -11.89 -4.63 -9.71
N GLY B 163 -13.09 -4.81 -9.16
CA GLY B 163 -14.10 -5.62 -9.81
C GLY B 163 -14.02 -7.09 -9.47
N LEU B 164 -13.07 -7.43 -8.60
CA LEU B 164 -12.86 -8.81 -8.17
C LEU B 164 -13.78 -9.15 -7.00
N THR B 165 -14.98 -9.63 -7.32
CA THR B 165 -15.97 -9.99 -6.32
C THR B 165 -15.86 -11.44 -5.82
N LEU B 166 -16.44 -11.70 -4.66
CA LEU B 166 -16.45 -13.02 -4.04
C LEU B 166 -17.91 -13.32 -3.64
N GLY B 167 -18.30 -14.59 -3.74
CA GLY B 167 -19.66 -14.96 -3.39
C GLY B 167 -19.73 -15.71 -2.07
N THR B 168 -20.00 -17.01 -2.15
CA THR B 168 -20.10 -17.87 -0.99
C THR B 168 -18.71 -18.40 -0.64
N MET B 169 -18.22 -18.02 0.53
CA MET B 169 -16.92 -18.45 1.00
C MET B 169 -16.86 -19.94 1.34
N ASP B 170 -15.89 -20.64 0.78
CA ASP B 170 -15.69 -22.06 1.10
C ASP B 170 -14.55 -22.05 2.13
N TYR B 171 -13.65 -23.03 2.10
CA TYR B 171 -12.57 -23.05 3.08
C TYR B 171 -11.57 -21.90 2.95
N GLN B 172 -10.91 -21.59 4.07
CA GLN B 172 -9.95 -20.50 4.18
C GLN B 172 -8.84 -20.99 5.11
N ILE B 173 -7.68 -21.28 4.53
CA ILE B 173 -6.55 -21.80 5.30
C ILE B 173 -5.22 -21.09 5.05
N VAL B 174 -4.24 -21.38 5.89
CA VAL B 174 -2.89 -20.84 5.72
C VAL B 174 -2.22 -22.06 5.08
N ALA B 175 -1.93 -21.95 3.80
CA ALA B 175 -1.35 -23.05 3.07
C ALA B 175 0.06 -22.88 2.52
N VAL B 176 0.71 -24.03 2.40
CA VAL B 176 2.05 -24.13 1.84
C VAL B 176 1.81 -24.86 0.53
N GLU B 177 2.16 -24.23 -0.58
CA GLU B 177 2.02 -24.85 -1.88
C GLU B 177 3.41 -25.03 -2.45
N GLY B 178 3.60 -26.13 -3.18
CA GLY B 178 4.90 -26.39 -3.77
C GLY B 178 4.71 -26.84 -5.20
N TYR B 179 5.70 -26.55 -6.04
CA TYR B 179 5.63 -26.94 -7.45
C TYR B 179 6.97 -27.51 -7.88
N PHE B 180 7.03 -28.84 -7.94
CA PHE B 180 8.23 -29.57 -8.35
C PHE B 180 9.49 -28.98 -7.73
N SER B 181 9.54 -29.01 -6.40
CA SER B 181 10.66 -28.49 -5.66
C SER B 181 10.89 -29.27 -4.37
N SER B 182 11.61 -28.66 -3.43
CA SER B 182 11.92 -29.29 -2.15
C SER B 182 11.75 -28.25 -1.05
N GLY B 183 11.66 -28.71 0.18
CA GLY B 183 11.52 -27.79 1.30
C GLY B 183 10.93 -28.40 2.55
N SER B 184 10.81 -27.57 3.58
CA SER B 184 10.24 -27.97 4.85
C SER B 184 9.48 -26.79 5.45
N ALA B 185 8.41 -27.09 6.16
CA ALA B 185 7.60 -26.05 6.78
C ALA B 185 6.87 -26.59 8.00
N SER B 186 6.71 -25.73 9.00
CA SER B 186 6.01 -26.06 10.22
C SER B 186 5.28 -24.79 10.59
N ILE B 187 3.99 -24.74 10.26
CA ILE B 187 3.18 -23.56 10.50
C ILE B 187 2.07 -23.82 11.52
N THR B 188 1.80 -22.82 12.35
CA THR B 188 0.76 -22.88 13.36
C THR B 188 -0.20 -21.72 13.11
N VAL B 189 -1.46 -22.04 12.86
CA VAL B 189 -2.48 -21.03 12.59
C VAL B 189 -3.39 -20.80 13.80
N SER B 190 -3.90 -19.58 13.92
CA SER B 190 -4.80 -19.21 15.01
C SER B 190 -5.72 -18.05 14.59
#